data_2Z1N
#
_entry.id   2Z1N
#
_cell.length_a   110.759
_cell.length_b   68.869
_cell.length_c   69.340
_cell.angle_alpha   90.00
_cell.angle_beta   119.00
_cell.angle_gamma   90.00
#
_symmetry.space_group_name_H-M   'C 1 2 1'
#
loop_
_entity.id
_entity.type
_entity.pdbx_description
1 polymer dehydrogenase
2 non-polymer 'SODIUM ION'
3 water water
#
_entity_poly.entity_id   1
_entity_poly.type   'polypeptide(L)'
_entity_poly.pdbx_seq_one_letter_code
;MDLGIQGKLAVVTAGSSGLGFASALELARNGARLLLFSRNREKLEAAASRIASLVSGAQVDIVAGDIREPGDIDRLFEKA
RDLGGADILVYSTGGPRPGRFMELGVEDWDESYRLLARSAVWVGRRAAEQMVEKGWGRMVYIGSVTLLRPWQDLALSNIM
RLPVIGVVRTLALELAPHGVTVNAVLPSLILTDRVRSLAEERARRSGITVEEALKSMASRIPMGRVGKPEELASVVAFLA
SEKASFITGAVIPVDGGAHI
;
_entity_poly.pdbx_strand_id   A,B
#
# COMPACT_ATOMS: atom_id res chain seq x y z
N MET A 1 -27.48 18.64 -10.17
CA MET A 1 -28.96 18.77 -10.01
C MET A 1 -29.61 17.37 -10.00
N ASP A 2 -29.88 16.78 -11.15
CA ASP A 2 -30.46 15.42 -11.16
C ASP A 2 -29.31 14.41 -11.26
N LEU A 3 -29.06 13.70 -10.17
CA LEU A 3 -27.90 12.77 -10.15
C LEU A 3 -28.11 11.53 -11.00
N GLY A 4 -29.36 11.31 -11.39
CA GLY A 4 -29.74 10.20 -12.25
C GLY A 4 -29.42 8.83 -11.66
N ILE A 5 -29.52 8.67 -10.34
CA ILE A 5 -29.26 7.36 -9.73
C ILE A 5 -30.52 6.75 -9.11
N GLN A 6 -31.67 7.32 -9.45
CA GLN A 6 -32.95 6.76 -8.97
C GLN A 6 -33.02 5.28 -9.33
N GLY A 7 -33.33 4.46 -8.31
CA GLY A 7 -33.52 3.03 -8.45
C GLY A 7 -32.25 2.22 -8.47
N LYS A 8 -31.09 2.88 -8.49
CA LYS A 8 -29.86 2.09 -8.49
C LYS A 8 -29.59 1.58 -7.10
N LEU A 9 -28.90 0.44 -7.01
CA LEU A 9 -28.53 -0.13 -5.72
C LEU A 9 -27.13 0.29 -5.29
N ALA A 10 -27.06 0.96 -4.14
CA ALA A 10 -25.80 1.32 -3.49
C ALA A 10 -25.52 0.42 -2.28
N VAL A 11 -24.37 -0.23 -2.33
CA VAL A 11 -23.82 -1.00 -1.23
C VAL A 11 -22.92 -0.08 -0.45
N VAL A 12 -23.13 -0.01 0.85
CA VAL A 12 -22.36 0.91 1.73
C VAL A 12 -21.84 0.14 2.95
N THR A 13 -20.52 -0.01 3.10
CA THR A 13 -19.96 -0.69 4.29
C THR A 13 -19.83 0.30 5.46
N ALA A 14 -19.72 -0.20 6.70
CA ALA A 14 -19.83 0.63 7.91
C ALA A 14 -21.00 1.62 7.75
N GLY A 15 -22.15 1.10 7.35
CA GLY A 15 -23.27 1.97 6.98
C GLY A 15 -24.27 2.25 8.11
N SER A 16 -23.99 1.72 9.31
CA SER A 16 -24.85 2.00 10.49
C SER A 16 -24.58 3.36 11.19
N SER A 17 -23.41 3.96 10.93
CA SER A 17 -23.13 5.27 11.53
C SER A 17 -22.03 5.93 10.74
N GLY A 18 -21.60 7.11 11.19
CA GLY A 18 -20.45 7.81 10.62
C GLY A 18 -20.60 8.17 9.17
N LEU A 19 -19.48 8.16 8.45
CA LEU A 19 -19.53 8.61 7.05
C LEU A 19 -20.28 7.63 6.14
N GLY A 20 -20.24 6.33 6.46
CA GLY A 20 -21.03 5.34 5.71
C GLY A 20 -22.52 5.64 5.78
N PHE A 21 -23.03 5.84 7.00
CA PHE A 21 -24.42 6.22 7.17
C PHE A 21 -24.79 7.51 6.45
N ALA A 22 -23.95 8.56 6.62
CA ALA A 22 -24.24 9.85 6.02
C ALA A 22 -24.32 9.71 4.48
N SER A 23 -23.39 8.91 3.95
CA SER A 23 -23.34 8.62 2.49
C SER A 23 -24.61 7.90 2.03
N ALA A 24 -25.00 6.88 2.78
CA ALA A 24 -26.21 6.09 2.50
C ALA A 24 -27.45 6.97 2.48
N LEU A 25 -27.58 7.83 3.50
CA LEU A 25 -28.74 8.75 3.54
C LEU A 25 -28.81 9.68 2.32
N GLU A 26 -27.69 10.33 1.97
CA GLU A 26 -27.68 11.23 0.84
C GLU A 26 -28.06 10.45 -0.42
N LEU A 27 -27.52 9.24 -0.56
CA LEU A 27 -27.85 8.45 -1.77
C LEU A 27 -29.35 8.14 -1.82
N ALA A 28 -29.91 7.78 -0.68
CA ALA A 28 -31.36 7.48 -0.58
C ALA A 28 -32.18 8.71 -0.89
N ARG A 29 -31.73 9.90 -0.45
CA ARG A 29 -32.40 11.17 -0.83
C ARG A 29 -32.43 11.39 -2.35
N ASN A 30 -31.47 10.79 -3.06
CA ASN A 30 -31.42 10.85 -4.51
C ASN A 30 -32.09 9.65 -5.20
N GLY A 31 -32.81 8.85 -4.43
CA GLY A 31 -33.59 7.76 -5.02
C GLY A 31 -32.88 6.43 -5.14
N ALA A 32 -31.67 6.33 -4.59
CA ALA A 32 -31.01 5.04 -4.55
C ALA A 32 -31.64 4.03 -3.58
N ARG A 33 -31.67 2.77 -4.00
CA ARG A 33 -31.94 1.66 -3.10
C ARG A 33 -30.63 1.39 -2.36
N LEU A 34 -30.75 0.93 -1.13
CA LEU A 34 -29.58 0.68 -0.27
C LEU A 34 -29.42 -0.74 0.21
N LEU A 35 -28.16 -1.14 0.34
CA LEU A 35 -27.77 -2.33 1.03
C LEU A 35 -26.66 -1.95 2.01
N LEU A 36 -26.97 -2.00 3.30
CA LEU A 36 -26.02 -1.57 4.34
C LEU A 36 -25.28 -2.74 4.98
N PHE A 37 -24.00 -2.52 5.26
CA PHE A 37 -23.18 -3.58 5.88
C PHE A 37 -22.49 -2.97 7.09
N SER A 38 -22.60 -3.70 8.21
CA SER A 38 -21.78 -3.43 9.40
C SER A 38 -21.85 -4.62 10.33
N ARG A 39 -21.16 -4.53 11.46
CA ARG A 39 -20.97 -5.68 12.30
C ARG A 39 -22.28 -6.12 12.96
N ASN A 40 -23.05 -5.15 13.42
CA ASN A 40 -24.14 -5.46 14.34
C ASN A 40 -25.52 -5.40 13.70
N ARG A 41 -26.23 -6.53 13.64
CA ARG A 41 -27.53 -6.59 12.97
C ARG A 41 -28.51 -5.53 13.50
N GLU A 42 -28.55 -5.39 14.83
CA GLU A 42 -29.53 -4.52 15.48
C GLU A 42 -29.33 -3.06 15.15
N LYS A 43 -28.10 -2.58 15.26
CA LYS A 43 -27.75 -1.23 14.86
C LYS A 43 -27.99 -1.00 13.36
N LEU A 44 -27.74 -2.02 12.52
CA LEU A 44 -28.07 -1.94 11.07
C LEU A 44 -29.55 -1.78 10.77
N GLU A 45 -30.35 -2.67 11.36
CA GLU A 45 -31.80 -2.54 11.29
C GLU A 45 -32.25 -1.16 11.72
N ALA A 46 -31.65 -0.65 12.80
CA ALA A 46 -31.94 0.71 13.28
C ALA A 46 -31.53 1.82 12.31
N ALA A 47 -30.38 1.68 11.65
CA ALA A 47 -29.95 2.66 10.64
C ALA A 47 -30.97 2.70 9.46
N ALA A 48 -31.39 1.51 9.02
CA ALA A 48 -32.35 1.35 7.92
C ALA A 48 -33.65 2.07 8.27
N SER A 49 -34.11 1.86 9.51
CA SER A 49 -35.28 2.59 10.02
C SER A 49 -35.18 4.09 10.00
N ARG A 50 -34.00 4.66 10.34
CA ARG A 50 -33.81 6.14 10.32
C ARG A 50 -33.96 6.64 8.91
N ILE A 51 -33.29 5.96 8.00
CA ILE A 51 -33.35 6.34 6.59
C ILE A 51 -34.77 6.35 6.07
N ALA A 52 -35.54 5.32 6.40
CA ALA A 52 -36.94 5.22 5.98
C ALA A 52 -37.78 6.36 6.57
N SER A 53 -37.43 6.78 7.79
CA SER A 53 -38.12 7.89 8.47
C SER A 53 -37.81 9.28 7.87
N LEU A 54 -36.58 9.48 7.38
CA LEU A 54 -36.19 10.73 6.71
C LEU A 54 -36.55 10.81 5.23
N VAL A 55 -36.69 9.65 4.59
CA VAL A 55 -36.88 9.57 3.15
C VAL A 55 -38.07 8.65 2.88
N SER A 56 -39.22 9.24 2.55
CA SER A 56 -40.42 8.47 2.27
C SER A 56 -40.16 7.47 1.14
N GLY A 57 -40.48 6.20 1.37
CA GLY A 57 -40.39 5.16 0.33
C GLY A 57 -38.99 4.56 0.14
N ALA A 58 -38.01 5.00 0.92
CA ALA A 58 -36.65 4.45 0.79
C ALA A 58 -36.63 2.95 1.02
N GLN A 59 -35.91 2.25 0.14
CA GLN A 59 -35.72 0.82 0.23
C GLN A 59 -34.33 0.57 0.78
N VAL A 60 -34.28 -0.07 1.92
CA VAL A 60 -33.01 -0.36 2.59
C VAL A 60 -33.01 -1.79 3.06
N ASP A 61 -31.98 -2.53 2.64
CA ASP A 61 -31.71 -3.86 3.12
C ASP A 61 -30.38 -3.87 3.86
N ILE A 62 -30.19 -4.89 4.70
CA ILE A 62 -28.98 -4.97 5.52
C ILE A 62 -28.33 -6.34 5.47
N VAL A 63 -27.00 -6.36 5.68
CA VAL A 63 -26.27 -7.61 5.91
C VAL A 63 -25.30 -7.36 7.05
N ALA A 64 -25.40 -8.17 8.11
CA ALA A 64 -24.49 -8.05 9.26
C ALA A 64 -23.24 -8.88 9.01
N GLY A 65 -22.07 -8.29 9.25
CA GLY A 65 -20.83 -9.06 9.05
C GLY A 65 -19.61 -8.23 9.35
N ASP A 66 -18.46 -8.88 9.29
CA ASP A 66 -17.19 -8.29 9.69
C ASP A 66 -16.39 -8.01 8.42
N ILE A 67 -16.07 -6.73 8.23
CA ILE A 67 -15.28 -6.26 7.05
C ILE A 67 -13.91 -6.95 6.97
N ARG A 68 -13.45 -7.43 8.12
CA ARG A 68 -12.15 -8.11 8.18
C ARG A 68 -12.19 -9.52 7.60
N GLU A 69 -13.38 -10.04 7.27
CA GLU A 69 -13.55 -11.40 6.79
C GLU A 69 -14.06 -11.46 5.35
N PRO A 70 -13.24 -12.00 4.42
CA PRO A 70 -13.67 -12.12 3.02
C PRO A 70 -14.98 -12.86 2.81
N GLY A 71 -15.23 -13.86 3.66
CA GLY A 71 -16.46 -14.64 3.61
C GLY A 71 -17.70 -13.81 3.93
N ASP A 72 -17.59 -12.86 4.87
CA ASP A 72 -18.70 -11.93 5.16
C ASP A 72 -18.95 -10.95 4.01
N ILE A 73 -17.87 -10.40 3.43
CA ILE A 73 -18.00 -9.58 2.22
C ILE A 73 -18.71 -10.38 1.08
N ASP A 74 -18.34 -11.64 0.91
CA ASP A 74 -18.98 -12.49 -0.10
C ASP A 74 -20.47 -12.57 0.17
N ARG A 75 -20.85 -12.75 1.43
CA ARG A 75 -22.24 -12.89 1.79
C ARG A 75 -22.98 -11.57 1.47
N LEU A 76 -22.32 -10.43 1.73
CA LEU A 76 -22.88 -9.12 1.41
C LEU A 76 -23.20 -9.02 -0.08
N PHE A 77 -22.27 -9.48 -0.91
CA PHE A 77 -22.42 -9.35 -2.35
C PHE A 77 -23.35 -10.36 -2.97
N GLU A 78 -23.54 -11.50 -2.29
CA GLU A 78 -24.65 -12.38 -2.69
C GLU A 78 -26.00 -11.75 -2.54
N LYS A 79 -26.22 -11.01 -1.43
CA LYS A 79 -27.47 -10.32 -1.22
C LYS A 79 -27.58 -9.22 -2.26
N ALA A 80 -26.48 -8.52 -2.54
CA ALA A 80 -26.54 -7.54 -3.60
C ALA A 80 -27.02 -8.15 -4.92
N ARG A 81 -26.50 -9.33 -5.28
CA ARG A 81 -26.85 -9.98 -6.54
C ARG A 81 -28.36 -10.26 -6.56
N ASP A 82 -28.88 -10.70 -5.40
CA ASP A 82 -30.31 -11.01 -5.32
C ASP A 82 -31.17 -9.75 -5.44
N LEU A 83 -30.58 -8.58 -5.13
CA LEU A 83 -31.28 -7.30 -5.25
C LEU A 83 -31.05 -6.64 -6.63
N GLY A 84 -30.42 -7.37 -7.52
CA GLY A 84 -30.24 -6.87 -8.87
C GLY A 84 -28.81 -6.49 -9.21
N GLY A 85 -27.91 -6.65 -8.24
CA GLY A 85 -26.49 -6.34 -8.48
C GLY A 85 -26.11 -4.95 -8.00
N ALA A 86 -24.96 -4.89 -7.36
CA ALA A 86 -24.34 -3.62 -6.94
C ALA A 86 -24.13 -2.64 -8.12
N ASP A 87 -24.74 -1.45 -8.04
CA ASP A 87 -24.53 -0.40 -9.06
C ASP A 87 -23.54 0.63 -8.53
N ILE A 88 -23.65 0.92 -7.25
CA ILE A 88 -22.82 1.95 -6.58
C ILE A 88 -22.20 1.27 -5.35
N LEU A 89 -20.94 1.58 -5.08
CA LEU A 89 -20.29 1.15 -3.82
C LEU A 89 -19.76 2.38 -3.07
N VAL A 90 -20.05 2.43 -1.78
CA VAL A 90 -19.37 3.38 -0.88
C VAL A 90 -18.61 2.53 0.17
N TYR A 91 -17.29 2.56 0.07
CA TYR A 91 -16.46 1.76 0.98
C TYR A 91 -15.99 2.67 2.13
N SER A 92 -16.35 2.29 3.35
CA SER A 92 -15.98 3.00 4.56
C SER A 92 -15.57 1.99 5.63
N THR A 93 -14.49 2.28 6.37
CA THR A 93 -14.13 1.45 7.54
C THR A 93 -13.74 2.35 8.70
N GLY A 94 -13.76 1.81 9.92
CA GLY A 94 -13.00 2.41 11.04
C GLY A 94 -11.48 2.41 10.82
N GLY A 95 -10.79 3.20 11.62
CA GLY A 95 -9.34 3.31 11.52
C GLY A 95 -8.68 2.27 12.41
N PRO A 96 -7.41 1.94 12.13
CA PRO A 96 -6.66 1.02 12.97
C PRO A 96 -6.27 1.68 14.31
N ARG A 97 -5.61 0.93 15.19
CA ARG A 97 -5.27 1.48 16.51
C ARG A 97 -4.12 2.47 16.40
N PRO A 98 -4.14 3.56 17.21
CA PRO A 98 -2.99 4.48 17.15
C PRO A 98 -1.72 3.81 17.71
N GLY A 99 -0.55 4.41 17.45
CA GLY A 99 0.68 3.78 17.84
C GLY A 99 1.73 4.24 16.86
N ARG A 100 2.93 4.42 17.39
CA ARG A 100 4.07 4.80 16.60
C ARG A 100 4.69 3.54 16.03
N PHE A 101 5.40 3.68 14.92
CA PHE A 101 5.90 2.54 14.18
C PHE A 101 6.64 1.54 15.10
N MET A 102 7.56 2.05 15.91
CA MET A 102 8.44 1.15 16.66
C MET A 102 7.74 0.46 17.81
N GLU A 103 6.51 0.87 18.13
CA GLU A 103 5.79 0.18 19.22
C GLU A 103 4.73 -0.83 18.77
N LEU A 104 4.63 -1.06 17.47
CA LEU A 104 3.67 -2.03 16.95
C LEU A 104 4.28 -3.40 16.68
N GLY A 105 3.49 -4.42 17.02
CA GLY A 105 3.90 -5.81 16.88
C GLY A 105 3.35 -6.41 15.61
N VAL A 106 3.83 -7.61 15.31
CA VAL A 106 3.40 -8.35 14.11
C VAL A 106 1.87 -8.44 14.07
N GLU A 107 1.26 -8.69 15.23
CA GLU A 107 -0.20 -8.86 15.31
C GLU A 107 -0.92 -7.57 14.92
N ASP A 108 -0.32 -6.42 15.25
CA ASP A 108 -0.91 -5.13 14.93
C ASP A 108 -0.91 -4.89 13.42
N TRP A 109 0.20 -5.24 12.79
CA TRP A 109 0.33 -5.11 11.34
C TRP A 109 -0.66 -6.06 10.62
N ASP A 110 -0.67 -7.34 10.99
CA ASP A 110 -1.64 -8.30 10.38
C ASP A 110 -3.09 -7.83 10.54
N GLU A 111 -3.45 -7.35 11.72
CA GLU A 111 -4.81 -6.85 11.95
C GLU A 111 -5.17 -5.60 11.08
N SER A 112 -4.21 -4.69 10.90
CA SER A 112 -4.44 -3.49 10.08
C SER A 112 -4.61 -3.91 8.60
N TYR A 113 -3.91 -4.97 8.22
CA TYR A 113 -4.03 -5.53 6.89
C TYR A 113 -5.44 -6.09 6.67
N ARG A 114 -5.95 -6.84 7.64
CA ARG A 114 -7.29 -7.42 7.49
C ARG A 114 -8.37 -6.34 7.47
N LEU A 115 -8.23 -5.32 8.33
CA LEU A 115 -9.19 -4.19 8.47
C LEU A 115 -9.20 -3.30 7.23
N LEU A 116 -8.01 -2.95 6.75
CA LEU A 116 -7.85 -1.83 5.82
C LEU A 116 -7.56 -2.27 4.37
N ALA A 117 -6.50 -3.03 4.18
CA ALA A 117 -6.03 -3.41 2.88
C ALA A 117 -6.84 -4.52 2.24
N ARG A 118 -6.93 -5.67 2.90
CA ARG A 118 -7.68 -6.80 2.35
C ARG A 118 -9.15 -6.45 2.12
N SER A 119 -9.76 -5.73 3.05
CA SER A 119 -11.16 -5.26 2.86
C SER A 119 -11.32 -4.40 1.60
N ALA A 120 -10.41 -3.46 1.36
CA ALA A 120 -10.54 -2.60 0.15
C ALA A 120 -10.47 -3.45 -1.10
N VAL A 121 -9.55 -4.41 -1.08
CA VAL A 121 -9.35 -5.30 -2.21
C VAL A 121 -10.59 -6.15 -2.47
N TRP A 122 -11.09 -6.81 -1.42
CA TRP A 122 -12.14 -7.83 -1.62
C TRP A 122 -13.53 -7.24 -1.89
N VAL A 123 -13.89 -6.22 -1.11
CA VAL A 123 -15.06 -5.41 -1.45
C VAL A 123 -14.97 -4.91 -2.90
N GLY A 124 -13.85 -4.27 -3.28
CA GLY A 124 -13.66 -3.92 -4.69
C GLY A 124 -13.88 -5.02 -5.69
N ARG A 125 -13.27 -6.18 -5.45
CA ARG A 125 -13.43 -7.31 -6.36
C ARG A 125 -14.92 -7.69 -6.54
N ARG A 126 -15.63 -7.86 -5.43
CA ARG A 126 -17.00 -8.33 -5.53
C ARG A 126 -17.88 -7.27 -6.16
N ALA A 127 -17.61 -5.98 -5.83
CA ALA A 127 -18.37 -4.87 -6.44
C ALA A 127 -18.09 -4.77 -7.93
N ALA A 128 -16.82 -4.95 -8.30
CA ALA A 128 -16.40 -4.87 -9.72
C ALA A 128 -17.08 -5.95 -10.56
N GLU A 129 -17.09 -7.18 -10.06
CA GLU A 129 -17.78 -8.32 -10.74
C GLU A 129 -19.18 -7.96 -11.17
N GLN A 130 -19.95 -7.39 -10.25
CA GLN A 130 -21.34 -7.02 -10.54
C GLN A 130 -21.50 -5.80 -11.44
N MET A 131 -20.65 -4.81 -11.22
CA MET A 131 -20.75 -3.58 -12.03
C MET A 131 -20.30 -3.86 -13.45
N VAL A 132 -19.28 -4.69 -13.64
CA VAL A 132 -18.85 -4.98 -15.04
C VAL A 132 -19.90 -5.83 -15.78
N GLU A 133 -20.62 -6.69 -15.05
CA GLU A 133 -21.74 -7.47 -15.67
C GLU A 133 -22.77 -6.50 -16.27
N LYS A 134 -23.04 -5.43 -15.58
CA LYS A 134 -23.97 -4.40 -16.07
C LYS A 134 -23.38 -3.36 -17.05
N GLY A 135 -22.07 -3.21 -17.07
CA GLY A 135 -21.42 -2.14 -17.87
C GLY A 135 -21.73 -0.73 -17.35
N TRP A 136 -22.01 -0.61 -16.05
CA TRP A 136 -22.13 0.70 -15.40
C TRP A 136 -21.79 0.51 -13.92
N GLY A 137 -21.07 1.46 -13.34
CA GLY A 137 -20.83 1.40 -11.92
C GLY A 137 -20.09 2.58 -11.37
N ARG A 138 -20.22 2.76 -10.06
CA ARG A 138 -19.56 3.81 -9.33
C ARG A 138 -19.01 3.24 -8.02
N MET A 139 -17.68 3.30 -7.84
CA MET A 139 -17.13 3.03 -6.52
C MET A 139 -16.53 4.27 -5.90
N VAL A 140 -16.89 4.53 -4.65
CA VAL A 140 -16.30 5.67 -3.93
C VAL A 140 -15.66 5.14 -2.65
N TYR A 141 -14.34 5.23 -2.60
CA TYR A 141 -13.60 4.77 -1.40
C TYR A 141 -13.37 5.92 -0.47
N ILE A 142 -13.71 5.76 0.81
CA ILE A 142 -13.33 6.78 1.78
C ILE A 142 -11.94 6.52 2.37
N GLY A 143 -10.93 7.34 2.03
CA GLY A 143 -9.52 7.06 2.49
C GLY A 143 -9.17 7.97 3.64
N SER A 144 -7.87 8.14 3.89
CA SER A 144 -7.38 9.04 4.94
C SER A 144 -6.40 10.02 4.34
N VAL A 145 -6.35 11.23 4.89
CA VAL A 145 -5.29 12.19 4.56
C VAL A 145 -3.89 11.68 4.93
N THR A 146 -3.81 10.62 5.73
CA THR A 146 -2.50 9.99 6.00
C THR A 146 -1.92 9.43 4.69
N LEU A 147 -2.73 9.29 3.64
CA LEU A 147 -2.19 9.04 2.29
C LEU A 147 -1.22 10.14 1.89
N LEU A 148 -1.54 11.37 2.22
CA LEU A 148 -0.75 12.50 1.73
C LEU A 148 0.43 12.86 2.63
N ARG A 149 0.20 12.81 3.94
CA ARG A 149 1.23 13.13 4.93
C ARG A 149 1.19 12.06 6.03
N PRO A 150 2.32 11.38 6.30
CA PRO A 150 2.26 10.52 7.45
C PRO A 150 2.17 11.27 8.78
N TRP A 151 1.46 10.70 9.74
CA TRP A 151 1.55 11.16 11.13
C TRP A 151 2.27 10.16 11.99
N GLN A 152 3.20 10.63 12.83
CA GLN A 152 4.00 9.67 13.63
C GLN A 152 3.12 8.74 14.48
N ASP A 153 2.02 9.26 15.02
CA ASP A 153 1.17 8.46 15.91
C ASP A 153 0.21 7.55 15.15
N LEU A 154 0.21 7.65 13.82
CA LEU A 154 -0.74 6.88 13.03
C LEU A 154 0.00 5.98 12.05
N ALA A 155 0.95 5.20 12.56
CA ALA A 155 1.77 4.35 11.67
C ALA A 155 0.96 3.33 10.89
N LEU A 156 0.00 2.66 11.54
CA LEU A 156 -0.77 1.60 10.87
C LEU A 156 -1.53 2.23 9.71
N SER A 157 -2.12 3.38 9.96
CA SER A 157 -2.84 4.12 8.89
C SER A 157 -1.90 4.59 7.77
N ASN A 158 -0.77 5.20 8.13
CA ASN A 158 0.20 5.74 7.15
C ASN A 158 0.58 4.63 6.16
N ILE A 159 0.65 3.40 6.66
CA ILE A 159 1.28 2.30 5.95
C ILE A 159 0.30 1.30 5.34
N MET A 160 -0.49 0.69 6.21
CA MET A 160 -1.41 -0.36 5.78
C MET A 160 -2.72 0.14 5.19
N ARG A 161 -2.99 1.43 5.28
CA ARG A 161 -4.11 2.02 4.52
C ARG A 161 -3.74 2.36 3.08
N LEU A 162 -2.44 2.45 2.78
CA LEU A 162 -2.02 2.82 1.42
C LEU A 162 -2.61 1.91 0.34
N PRO A 163 -2.68 0.59 0.59
CA PRO A 163 -3.30 -0.30 -0.42
C PRO A 163 -4.70 0.12 -0.87
N VAL A 164 -5.48 0.74 0.03
CA VAL A 164 -6.79 1.31 -0.36
C VAL A 164 -6.68 2.16 -1.62
N ILE A 165 -5.64 2.98 -1.67
CA ILE A 165 -5.41 3.91 -2.78
C ILE A 165 -4.87 3.18 -4.02
N GLY A 166 -4.05 2.16 -3.83
CA GLY A 166 -3.66 1.31 -4.94
C GLY A 166 -4.87 0.62 -5.57
N VAL A 167 -5.85 0.25 -4.76
CA VAL A 167 -7.04 -0.42 -5.29
C VAL A 167 -7.81 0.58 -6.14
N VAL A 168 -7.97 1.78 -5.60
CA VAL A 168 -8.65 2.85 -6.35
C VAL A 168 -8.00 3.05 -7.73
N ARG A 169 -6.67 3.16 -7.75
CA ARG A 169 -5.99 3.47 -9.00
C ARG A 169 -6.01 2.25 -9.95
N THR A 170 -5.75 1.07 -9.40
CA THR A 170 -5.79 -0.17 -10.20
C THR A 170 -7.15 -0.49 -10.78
N LEU A 171 -8.21 -0.44 -9.95
CA LEU A 171 -9.53 -0.72 -10.48
C LEU A 171 -10.03 0.38 -11.41
N ALA A 172 -9.69 1.63 -11.10
CA ALA A 172 -10.00 2.72 -12.00
C ALA A 172 -9.44 2.41 -13.41
N LEU A 173 -8.16 2.06 -13.48
CA LEU A 173 -7.53 1.71 -14.76
C LEU A 173 -8.20 0.49 -15.44
N GLU A 174 -8.36 -0.62 -14.69
CA GLU A 174 -8.99 -1.89 -15.19
C GLU A 174 -10.40 -1.66 -15.72
N LEU A 175 -11.22 -0.93 -14.97
CA LEU A 175 -12.67 -0.85 -15.27
C LEU A 175 -13.10 0.33 -16.13
N ALA A 176 -12.17 1.24 -16.40
CA ALA A 176 -12.49 2.47 -17.11
C ALA A 176 -13.21 2.21 -18.44
N PRO A 177 -12.77 1.22 -19.24
CA PRO A 177 -13.45 1.09 -20.53
C PRO A 177 -14.78 0.32 -20.45
N HIS A 178 -15.09 -0.19 -19.26
CA HIS A 178 -16.33 -0.96 -19.06
C HIS A 178 -17.42 -0.19 -18.33
N GLY A 179 -17.32 1.14 -18.28
CA GLY A 179 -18.42 2.00 -17.79
C GLY A 179 -18.49 2.14 -16.25
N VAL A 180 -17.44 1.73 -15.56
CA VAL A 180 -17.37 1.89 -14.13
C VAL A 180 -16.23 2.81 -13.69
N THR A 181 -16.55 3.74 -12.79
CA THR A 181 -15.54 4.69 -12.28
C THR A 181 -15.23 4.30 -10.82
N VAL A 182 -14.03 4.65 -10.39
CA VAL A 182 -13.53 4.25 -9.07
C VAL A 182 -12.74 5.46 -8.60
N ASN A 183 -13.18 6.04 -7.48
CA ASN A 183 -12.66 7.29 -6.97
C ASN A 183 -12.53 7.20 -5.45
N ALA A 184 -11.79 8.13 -4.87
CA ALA A 184 -11.69 8.22 -3.42
C ALA A 184 -11.90 9.65 -2.90
N VAL A 185 -12.40 9.76 -1.66
CA VAL A 185 -12.43 11.03 -0.96
C VAL A 185 -11.63 10.96 0.33
N LEU A 186 -11.02 12.08 0.75
CA LEU A 186 -10.19 12.13 1.96
C LEU A 186 -10.80 13.19 2.88
N PRO A 187 -11.58 12.75 3.89
CA PRO A 187 -12.25 13.65 4.82
C PRO A 187 -11.24 14.18 5.84
N SER A 188 -11.67 15.08 6.72
CA SER A 188 -10.88 15.45 7.93
C SER A 188 -10.31 14.22 8.64
N LEU A 189 -9.04 14.34 9.04
CA LEU A 189 -8.29 13.26 9.67
C LEU A 189 -9.09 12.62 10.81
N ILE A 190 -9.66 13.44 11.67
CA ILE A 190 -10.28 12.84 12.86
C ILE A 190 -11.60 12.15 12.56
N LEU A 191 -12.11 12.34 11.33
CA LEU A 191 -13.27 11.57 10.89
C LEU A 191 -12.88 10.14 10.45
N THR A 192 -11.63 9.90 10.09
CA THR A 192 -11.27 8.59 9.51
C THR A 192 -10.30 7.80 10.37
N ASP A 193 -9.65 8.49 11.30
CA ASP A 193 -8.50 7.92 12.02
C ASP A 193 -8.64 8.12 13.50
N ARG A 194 -8.19 7.09 14.24
CA ARG A 194 -8.19 7.07 15.69
C ARG A 194 -6.85 7.62 16.18
N VAL A 195 -6.91 8.79 16.80
CA VAL A 195 -5.71 9.50 17.21
C VAL A 195 -5.27 9.06 18.62
N ARG A 196 -6.19 8.43 19.35
CA ARG A 196 -5.96 7.95 20.72
C ARG A 196 -6.81 6.70 20.97
N ARG A 220 -2.93 22.54 10.80
CA ARG A 220 -3.89 23.62 10.58
C ARG A 220 -4.97 23.23 9.56
N ILE A 221 -6.23 23.53 9.88
CA ILE A 221 -7.31 23.43 8.88
C ILE A 221 -7.59 24.84 8.42
N PRO A 222 -7.22 25.17 7.15
CA PRO A 222 -7.45 26.53 6.62
C PRO A 222 -8.87 27.07 6.87
N MET A 223 -9.89 26.24 6.67
CA MET A 223 -11.27 26.61 6.91
C MET A 223 -11.65 26.77 8.39
N GLY A 224 -10.83 26.21 9.28
CA GLY A 224 -10.95 26.47 10.71
C GLY A 224 -12.07 25.69 11.41
N ARG A 225 -12.36 24.50 10.87
CA ARG A 225 -13.34 23.58 11.45
C ARG A 225 -13.11 22.18 10.87
N VAL A 226 -13.56 21.15 11.61
CA VAL A 226 -13.60 19.76 11.14
C VAL A 226 -14.89 19.61 10.31
N GLY A 227 -14.88 18.72 9.32
CA GLY A 227 -16.04 18.58 8.44
C GLY A 227 -17.22 17.92 9.15
N LYS A 228 -18.42 18.27 8.69
CA LYS A 228 -19.66 17.54 9.00
C LYS A 228 -19.86 16.37 8.05
N PRO A 229 -20.42 15.25 8.56
CA PRO A 229 -20.67 14.07 7.71
C PRO A 229 -21.47 14.39 6.44
N GLU A 230 -22.45 15.28 6.53
CA GLU A 230 -23.25 15.66 5.37
C GLU A 230 -22.44 16.30 4.25
N GLU A 231 -21.45 17.12 4.62
CA GLU A 231 -20.57 17.75 3.63
C GLU A 231 -19.78 16.71 2.84
N LEU A 232 -19.26 15.72 3.53
CA LEU A 232 -18.58 14.64 2.87
C LEU A 232 -19.54 13.78 2.01
N ALA A 233 -20.70 13.43 2.58
CA ALA A 233 -21.74 12.66 1.85
C ALA A 233 -22.19 13.31 0.52
N SER A 234 -22.28 14.64 0.45
CA SER A 234 -22.65 15.30 -0.81
C SER A 234 -21.65 15.05 -1.93
N VAL A 235 -20.35 15.09 -1.60
CA VAL A 235 -19.34 14.81 -2.58
C VAL A 235 -19.36 13.33 -3.01
N VAL A 236 -19.63 12.46 -2.06
CA VAL A 236 -19.73 11.01 -2.37
C VAL A 236 -20.89 10.79 -3.32
N ALA A 237 -22.05 11.36 -2.99
CA ALA A 237 -23.22 11.33 -3.87
C ALA A 237 -22.92 11.79 -5.29
N PHE A 238 -22.25 12.94 -5.42
CA PHE A 238 -21.92 13.47 -6.73
C PHE A 238 -21.01 12.54 -7.50
N LEU A 239 -20.00 11.98 -6.82
CA LEU A 239 -19.11 11.07 -7.51
C LEU A 239 -19.85 9.82 -7.97
N ALA A 240 -20.83 9.37 -7.18
CA ALA A 240 -21.68 8.21 -7.50
C ALA A 240 -22.73 8.43 -8.61
N SER A 241 -22.78 9.66 -9.14
CA SER A 241 -23.88 10.12 -10.00
C SER A 241 -23.62 9.82 -11.48
N GLU A 242 -24.71 9.83 -12.25
CA GLU A 242 -24.62 9.76 -13.69
C GLU A 242 -23.65 10.84 -14.21
N LYS A 243 -23.68 12.02 -13.59
CA LYS A 243 -22.98 13.22 -14.05
C LYS A 243 -21.47 13.11 -13.96
N ALA A 244 -21.00 12.30 -13.02
CA ALA A 244 -19.56 12.13 -12.81
C ALA A 244 -18.96 11.02 -13.71
N SER A 245 -19.52 10.84 -14.90
CA SER A 245 -19.13 9.73 -15.76
C SER A 245 -17.73 9.79 -16.35
N PHE A 246 -17.08 10.96 -16.32
CA PHE A 246 -15.74 11.08 -16.94
C PHE A 246 -14.66 11.20 -15.87
N ILE A 247 -15.04 11.03 -14.61
CA ILE A 247 -14.05 11.15 -13.53
C ILE A 247 -13.71 9.77 -13.05
N THR A 248 -12.44 9.41 -13.11
CA THR A 248 -11.99 8.15 -12.54
C THR A 248 -10.54 8.14 -12.08
N GLY A 249 -10.32 7.44 -10.97
CA GLY A 249 -9.00 7.32 -10.36
C GLY A 249 -8.66 8.52 -9.51
N ALA A 250 -9.62 9.44 -9.34
CA ALA A 250 -9.38 10.71 -8.60
C ALA A 250 -9.40 10.44 -7.09
N VAL A 251 -8.51 11.12 -6.38
CA VAL A 251 -8.42 11.06 -4.92
C VAL A 251 -8.59 12.51 -4.47
N ILE A 252 -9.79 12.80 -3.95
CA ILE A 252 -10.22 14.16 -3.76
C ILE A 252 -10.27 14.51 -2.28
N PRO A 253 -9.42 15.47 -1.85
CA PRO A 253 -9.52 15.87 -0.44
C PRO A 253 -10.81 16.68 -0.17
N VAL A 254 -11.53 16.35 0.91
CA VAL A 254 -12.76 17.02 1.32
C VAL A 254 -12.56 17.34 2.79
N ASP A 255 -11.66 18.29 3.04
CA ASP A 255 -11.04 18.44 4.37
C ASP A 255 -10.83 19.91 4.77
N GLY A 256 -11.57 20.84 4.16
CA GLY A 256 -11.38 22.26 4.46
C GLY A 256 -9.99 22.81 4.13
N GLY A 257 -9.23 22.09 3.31
CA GLY A 257 -7.92 22.58 2.88
C GLY A 257 -6.76 22.08 3.71
N ALA A 258 -7.05 21.23 4.68
CA ALA A 258 -5.99 20.65 5.54
C ALA A 258 -4.88 19.86 4.80
N HIS A 259 -5.19 19.25 3.65
CA HIS A 259 -4.15 18.57 2.82
C HIS A 259 -3.08 19.51 2.25
N ILE A 260 -3.37 20.81 2.22
CA ILE A 260 -2.46 21.74 1.56
C ILE A 260 -1.13 21.92 2.31
N MET B 1 34.54 10.17 -6.25
CA MET B 1 33.64 10.40 -5.09
C MET B 1 33.81 9.27 -4.06
N ASP B 2 34.32 9.63 -2.88
CA ASP B 2 34.51 8.68 -1.80
C ASP B 2 33.19 8.62 -1.06
N LEU B 3 32.56 7.45 -1.04
CA LEU B 3 31.23 7.32 -0.44
C LEU B 3 31.27 7.19 1.09
N GLY B 4 32.45 6.88 1.65
CA GLY B 4 32.63 6.81 3.12
C GLY B 4 31.92 5.71 3.88
N ILE B 5 31.72 4.56 3.25
CA ILE B 5 31.03 3.43 3.88
C ILE B 5 31.99 2.23 4.05
N GLN B 6 33.28 2.49 3.83
CA GLN B 6 34.30 1.46 4.07
C GLN B 6 34.13 0.86 5.49
N GLY B 7 33.98 -0.45 5.55
CA GLY B 7 33.86 -1.16 6.81
C GLY B 7 32.48 -1.11 7.43
N LYS B 8 31.52 -0.44 6.79
CA LYS B 8 30.16 -0.45 7.30
C LYS B 8 29.47 -1.74 6.89
N LEU B 9 28.58 -2.24 7.74
CA LEU B 9 27.79 -3.47 7.51
C LEU B 9 26.47 -3.19 6.80
N ALA B 10 26.28 -3.84 5.65
CA ALA B 10 25.06 -3.68 4.87
C ALA B 10 24.33 -4.99 4.83
N VAL B 11 23.10 -5.00 5.38
CA VAL B 11 22.20 -6.13 5.29
C VAL B 11 21.40 -5.97 3.99
N VAL B 12 21.43 -7.00 3.17
CA VAL B 12 20.72 -6.98 1.88
C VAL B 12 19.73 -8.14 1.82
N THR B 13 18.42 -7.85 1.74
CA THR B 13 17.42 -8.92 1.65
C THR B 13 17.25 -9.29 0.17
N ALA B 14 16.76 -10.51 -0.11
CA ALA B 14 16.86 -11.07 -1.47
C ALA B 14 18.23 -10.75 -2.10
N GLY B 15 19.31 -11.03 -1.36
CA GLY B 15 20.61 -10.59 -1.77
C GLY B 15 21.40 -11.59 -2.61
N SER B 16 20.81 -12.75 -2.89
CA SER B 16 21.51 -13.76 -3.73
C SER B 16 21.33 -13.60 -5.24
N SER B 17 20.39 -12.75 -5.67
CA SER B 17 20.19 -12.51 -7.09
C SER B 17 19.54 -11.18 -7.36
N GLY B 18 19.39 -10.86 -8.65
CA GLY B 18 18.62 -9.69 -9.08
C GLY B 18 19.14 -8.38 -8.52
N LEU B 19 18.22 -7.50 -8.17
CA LEU B 19 18.61 -6.16 -7.73
C LEU B 19 19.30 -6.13 -6.35
N GLY B 20 18.91 -7.03 -5.46
CA GLY B 20 19.56 -7.22 -4.14
C GLY B 20 21.03 -7.61 -4.31
N PHE B 21 21.29 -8.58 -5.17
CA PHE B 21 22.67 -8.94 -5.51
C PHE B 21 23.46 -7.80 -6.15
N ALA B 22 22.84 -7.09 -7.09
CA ALA B 22 23.57 -6.02 -7.80
C ALA B 22 23.98 -4.94 -6.82
N SER B 23 23.05 -4.64 -5.92
CA SER B 23 23.24 -3.67 -4.85
C SER B 23 24.35 -4.11 -3.90
N ALA B 24 24.25 -5.36 -3.42
CA ALA B 24 25.29 -5.95 -2.55
C ALA B 24 26.67 -5.87 -3.19
N LEU B 25 26.79 -6.31 -4.45
CA LEU B 25 28.04 -6.15 -5.22
C LEU B 25 28.60 -4.72 -5.23
N GLU B 26 27.79 -3.72 -5.63
CA GLU B 26 28.20 -2.30 -5.65
C GLU B 26 28.64 -1.72 -4.29
N LEU B 27 27.94 -2.13 -3.22
CA LEU B 27 28.28 -1.72 -1.85
C LEU B 27 29.65 -2.33 -1.47
N ALA B 28 29.86 -3.58 -1.85
CA ALA B 28 31.16 -4.28 -1.62
C ALA B 28 32.32 -3.59 -2.32
N ARG B 29 32.05 -3.07 -3.53
CA ARG B 29 33.03 -2.36 -4.33
C ARG B 29 33.40 -1.06 -3.65
N ASN B 30 32.51 -0.56 -2.79
CA ASN B 30 32.81 0.66 -2.06
C ASN B 30 33.27 0.39 -0.63
N GLY B 31 33.71 -0.84 -0.37
CA GLY B 31 34.33 -1.19 0.92
C GLY B 31 33.39 -1.66 2.02
N ALA B 32 32.10 -1.79 1.73
CA ALA B 32 31.17 -2.33 2.73
C ALA B 32 31.30 -3.82 3.01
N ARG B 33 31.06 -4.18 4.26
CA ARG B 33 30.86 -5.58 4.67
C ARG B 33 29.45 -5.99 4.33
N LEU B 34 29.25 -7.25 4.00
CA LEU B 34 27.92 -7.72 3.63
C LEU B 34 27.31 -8.77 4.49
N LEU B 35 26.01 -8.61 4.70
CA LEU B 35 25.18 -9.70 5.21
C LEU B 35 23.99 -9.94 4.27
N LEU B 36 24.07 -11.05 3.51
CA LEU B 36 23.04 -11.40 2.51
C LEU B 36 21.96 -12.30 3.08
N PHE B 37 20.69 -12.02 2.72
CA PHE B 37 19.59 -12.83 3.20
C PHE B 37 18.72 -13.30 2.02
N SER B 38 18.30 -14.56 2.04
CA SER B 38 17.29 -15.08 1.09
C SER B 38 17.03 -16.54 1.36
N ARG B 39 16.11 -17.15 0.61
CA ARG B 39 15.64 -18.50 0.91
C ARG B 39 16.73 -19.57 0.80
N ASN B 40 17.45 -19.56 -0.32
CA ASN B 40 18.29 -20.68 -0.73
C ASN B 40 19.72 -20.53 -0.27
N ARG B 41 20.08 -21.33 0.72
CA ARG B 41 21.42 -21.31 1.27
C ARG B 41 22.48 -21.54 0.20
N GLU B 42 22.23 -22.45 -0.75
CA GLU B 42 23.22 -22.73 -1.79
C GLU B 42 23.45 -21.55 -2.74
N LYS B 43 22.36 -20.88 -3.14
CA LYS B 43 22.44 -19.63 -3.93
C LYS B 43 23.17 -18.51 -3.20
N LEU B 44 22.95 -18.42 -1.90
CA LEU B 44 23.66 -17.46 -1.07
C LEU B 44 25.15 -17.65 -1.01
N GLU B 45 25.59 -18.92 -0.89
CA GLU B 45 27.01 -19.23 -0.81
C GLU B 45 27.66 -18.88 -2.12
N ALA B 46 27.02 -19.23 -3.22
CA ALA B 46 27.45 -18.81 -4.57
C ALA B 46 27.54 -17.30 -4.67
N ALA B 47 26.57 -16.60 -4.10
CA ALA B 47 26.57 -15.13 -4.16
C ALA B 47 27.76 -14.56 -3.40
N ALA B 48 28.02 -15.08 -2.20
CA ALA B 48 29.19 -14.74 -1.40
C ALA B 48 30.54 -14.93 -2.16
N SER B 49 30.70 -16.06 -2.85
CA SER B 49 31.92 -16.29 -3.67
C SER B 49 32.05 -15.42 -4.88
N ARG B 50 30.92 -15.16 -5.54
CA ARG B 50 30.89 -14.25 -6.67
C ARG B 50 31.45 -12.89 -6.30
N ILE B 51 30.92 -12.32 -5.22
CA ILE B 51 31.36 -11.00 -4.74
C ILE B 51 32.85 -10.98 -4.36
N ALA B 52 33.27 -11.93 -3.53
CA ALA B 52 34.72 -12.15 -3.22
C ALA B 52 35.64 -12.23 -4.45
N SER B 53 35.16 -12.85 -5.53
CA SER B 53 35.91 -12.91 -6.80
C SER B 53 36.06 -11.57 -7.53
N LEU B 54 35.02 -10.74 -7.46
CA LEU B 54 35.00 -9.50 -8.19
C LEU B 54 35.61 -8.39 -7.39
N VAL B 55 35.61 -8.56 -6.07
CA VAL B 55 36.04 -7.50 -5.14
C VAL B 55 37.04 -8.13 -4.19
N SER B 56 38.32 -7.91 -4.46
CA SER B 56 39.35 -8.54 -3.62
C SER B 56 39.22 -8.12 -2.15
N GLY B 57 39.08 -9.10 -1.26
CA GLY B 57 39.04 -8.84 0.17
C GLY B 57 37.63 -8.67 0.73
N ALA B 58 36.60 -8.76 -0.14
CA ALA B 58 35.20 -8.57 0.30
C ALA B 58 34.83 -9.49 1.45
N GLN B 59 34.21 -8.90 2.47
CA GLN B 59 33.70 -9.65 3.61
C GLN B 59 32.20 -9.83 3.44
N VAL B 60 31.77 -11.08 3.33
CA VAL B 60 30.37 -11.44 3.02
C VAL B 60 29.93 -12.56 3.93
N ASP B 61 28.85 -12.32 4.66
CA ASP B 61 28.20 -13.32 5.49
C ASP B 61 26.81 -13.57 4.97
N ILE B 62 26.22 -14.71 5.30
CA ILE B 62 24.94 -15.12 4.75
C ILE B 62 23.98 -15.71 5.79
N VAL B 63 22.70 -15.38 5.63
CA VAL B 63 21.63 -16.02 6.39
C VAL B 63 20.56 -16.51 5.44
N ALA B 64 20.27 -17.81 5.47
CA ALA B 64 19.10 -18.34 4.73
C ALA B 64 17.85 -18.27 5.58
N GLY B 65 16.76 -17.77 5.01
CA GLY B 65 15.45 -17.74 5.69
C GLY B 65 14.37 -17.14 4.78
N ASP B 66 13.15 -17.08 5.29
CA ASP B 66 11.97 -16.68 4.53
C ASP B 66 11.51 -15.29 4.98
N ILE B 67 11.60 -14.31 4.07
CA ILE B 67 11.23 -12.92 4.40
C ILE B 67 9.74 -12.74 4.79
N ARG B 68 8.93 -13.76 4.49
CA ARG B 68 7.51 -13.78 4.83
C ARG B 68 7.32 -14.19 6.29
N GLU B 69 8.43 -14.57 6.93
CA GLU B 69 8.50 -15.00 8.33
C GLU B 69 9.22 -13.98 9.21
N PRO B 70 8.47 -13.25 10.06
CA PRO B 70 9.07 -12.32 11.03
C PRO B 70 10.16 -12.98 11.89
N GLY B 71 9.91 -14.21 12.36
CA GLY B 71 10.94 -15.00 13.08
C GLY B 71 12.26 -15.10 12.32
N ASP B 72 12.19 -15.35 11.01
CA ASP B 72 13.37 -15.43 10.15
C ASP B 72 14.08 -14.07 10.00
N ILE B 73 13.30 -13.00 9.86
CA ILE B 73 13.87 -11.65 9.87
C ILE B 73 14.55 -11.34 11.21
N ASP B 74 13.94 -11.79 12.30
CA ASP B 74 14.50 -11.60 13.63
C ASP B 74 15.83 -12.32 13.70
N ARG B 75 15.85 -13.57 13.23
CA ARG B 75 17.09 -14.35 13.23
C ARG B 75 18.17 -13.67 12.40
N LEU B 76 17.77 -13.10 11.24
CA LEU B 76 18.66 -12.32 10.37
C LEU B 76 19.30 -11.15 11.09
N PHE B 77 18.50 -10.44 11.90
CA PHE B 77 19.06 -9.29 12.57
C PHE B 77 19.85 -9.63 13.83
N GLU B 78 19.66 -10.84 14.33
CA GLU B 78 20.53 -11.40 15.37
C GLU B 78 21.96 -11.55 14.84
N LYS B 79 22.10 -12.18 13.67
CA LYS B 79 23.38 -12.24 13.00
C LYS B 79 24.02 -10.87 12.68
N ALA B 80 23.22 -9.90 12.21
CA ALA B 80 23.69 -8.56 12.00
C ALA B 80 24.31 -7.99 13.28
N ARG B 81 23.62 -8.18 14.39
CA ARG B 81 24.09 -7.70 15.68
C ARG B 81 25.42 -8.37 16.02
N ASP B 82 25.58 -9.62 15.66
CA ASP B 82 26.82 -10.36 15.91
C ASP B 82 27.98 -9.77 15.09
N LEU B 83 27.66 -9.19 13.94
CA LEU B 83 28.63 -8.57 13.07
C LEU B 83 28.80 -7.07 13.32
N GLY B 84 28.26 -6.61 14.45
CA GLY B 84 28.48 -5.25 14.92
C GLY B 84 27.28 -4.34 14.79
N GLY B 85 26.18 -4.89 14.29
CA GLY B 85 24.91 -4.15 14.09
C GLY B 85 24.84 -3.66 12.67
N ALA B 86 23.62 -3.65 12.10
CA ALA B 86 23.39 -3.13 10.74
C ALA B 86 23.67 -1.66 10.66
N ASP B 87 24.46 -1.26 9.67
CA ASP B 87 24.67 0.16 9.38
C ASP B 87 23.82 0.59 8.19
N ILE B 88 23.77 -0.29 7.19
CA ILE B 88 23.10 -0.07 5.93
C ILE B 88 22.08 -1.19 5.72
N LEU B 89 20.88 -0.81 5.28
CA LEU B 89 19.91 -1.82 4.83
C LEU B 89 19.58 -1.57 3.36
N VAL B 90 19.63 -2.65 2.57
CA VAL B 90 19.09 -2.60 1.22
C VAL B 90 17.95 -3.59 1.21
N TYR B 91 16.71 -3.11 1.08
CA TYR B 91 15.57 -4.03 1.10
C TYR B 91 15.16 -4.39 -0.32
N SER B 92 15.10 -5.70 -0.65
CA SER B 92 14.62 -6.19 -1.94
C SER B 92 13.73 -7.38 -1.65
N THR B 93 12.73 -7.62 -2.47
CA THR B 93 11.94 -8.82 -2.24
C THR B 93 11.87 -9.72 -3.44
N GLY B 94 11.17 -10.84 -3.29
CA GLY B 94 10.91 -11.74 -4.42
C GLY B 94 9.87 -11.01 -5.25
N GLY B 95 9.78 -11.32 -6.54
CA GLY B 95 8.70 -10.78 -7.35
C GLY B 95 7.40 -11.45 -6.93
N PRO B 96 6.29 -10.66 -6.82
CA PRO B 96 4.96 -11.26 -6.67
C PRO B 96 4.46 -11.90 -7.98
N ARG B 97 3.49 -12.82 -7.89
CA ARG B 97 2.95 -13.42 -9.12
C ARG B 97 2.34 -12.33 -10.02
N PRO B 98 2.69 -12.32 -11.33
CA PRO B 98 2.01 -11.42 -12.27
C PRO B 98 0.54 -11.83 -12.29
N GLY B 99 -0.33 -10.94 -12.72
CA GLY B 99 -1.75 -11.23 -12.72
C GLY B 99 -2.57 -9.97 -12.55
N ARG B 100 -3.68 -9.90 -13.26
CA ARG B 100 -4.58 -8.78 -13.19
C ARG B 100 -5.48 -8.98 -11.96
N PHE B 101 -6.05 -7.87 -11.49
CA PHE B 101 -6.79 -7.80 -10.23
C PHE B 101 -7.84 -8.90 -10.07
N MET B 102 -8.67 -9.09 -11.09
CA MET B 102 -9.86 -9.96 -10.98
C MET B 102 -9.53 -11.45 -10.96
N GLU B 103 -8.27 -11.76 -11.23
CA GLU B 103 -7.82 -13.13 -11.35
C GLU B 103 -7.11 -13.59 -10.08
N LEU B 104 -6.95 -12.69 -9.10
CA LEU B 104 -6.25 -13.03 -7.86
C LEU B 104 -7.20 -13.36 -6.72
N GLY B 105 -6.84 -14.38 -5.94
CA GLY B 105 -7.70 -14.85 -4.83
C GLY B 105 -7.24 -14.32 -3.48
N VAL B 106 -8.04 -14.58 -2.45
CA VAL B 106 -7.72 -14.18 -1.08
C VAL B 106 -6.33 -14.69 -0.65
N GLU B 107 -6.02 -15.94 -0.99
CA GLU B 107 -4.70 -16.49 -0.67
C GLU B 107 -3.57 -15.71 -1.35
N ASP B 108 -3.84 -15.21 -2.57
CA ASP B 108 -2.84 -14.47 -3.31
C ASP B 108 -2.57 -13.15 -2.60
N TRP B 109 -3.65 -12.47 -2.21
CA TRP B 109 -3.54 -11.24 -1.47
C TRP B 109 -2.82 -11.43 -0.13
N ASP B 110 -3.24 -12.41 0.68
CA ASP B 110 -2.56 -12.68 1.96
C ASP B 110 -1.08 -12.94 1.78
N GLU B 111 -0.74 -13.77 0.79
CA GLU B 111 0.65 -14.11 0.47
C GLU B 111 1.41 -12.83 0.06
N SER B 112 0.79 -11.95 -0.72
CA SER B 112 1.51 -10.73 -1.16
C SER B 112 1.71 -9.74 0.01
N TYR B 113 0.76 -9.69 0.93
CA TYR B 113 0.93 -8.95 2.15
C TYR B 113 2.16 -9.46 2.90
N ARG B 114 2.26 -10.77 3.07
CA ARG B 114 3.42 -11.33 3.83
C ARG B 114 4.72 -11.06 3.11
N LEU B 115 4.67 -11.18 1.78
CA LEU B 115 5.85 -10.96 0.94
C LEU B 115 6.29 -9.49 0.74
N LEU B 116 5.34 -8.58 0.54
CA LEU B 116 5.60 -7.21 0.04
C LEU B 116 5.39 -6.05 1.04
N ALA B 117 4.58 -6.30 2.07
CA ALA B 117 4.15 -5.27 3.00
C ALA B 117 4.69 -5.58 4.40
N ARG B 118 4.28 -6.71 4.99
CA ARG B 118 4.79 -7.07 6.31
C ARG B 118 6.32 -7.18 6.34
N SER B 119 6.93 -7.77 5.31
CA SER B 119 8.41 -7.89 5.21
C SER B 119 9.07 -6.51 5.29
N ALA B 120 8.50 -5.52 4.57
CA ALA B 120 9.10 -4.16 4.50
C ALA B 120 9.02 -3.48 5.88
N VAL B 121 7.92 -3.72 6.58
CA VAL B 121 7.70 -3.17 7.90
C VAL B 121 8.70 -3.83 8.88
N TRP B 122 8.77 -5.15 8.86
CA TRP B 122 9.52 -5.88 9.91
C TRP B 122 11.03 -5.81 9.74
N VAL B 123 11.51 -5.93 8.51
CA VAL B 123 12.89 -5.56 8.21
C VAL B 123 13.23 -4.11 8.66
N GLY B 124 12.38 -3.12 8.32
CA GLY B 124 12.58 -1.74 8.79
C GLY B 124 12.71 -1.57 10.29
N ARG B 125 11.84 -2.22 11.04
CA ARG B 125 11.85 -2.09 12.47
C ARG B 125 13.16 -2.62 13.05
N ARG B 126 13.53 -3.80 12.62
CA ARG B 126 14.77 -4.45 13.14
C ARG B 126 16.03 -3.71 12.72
N ALA B 127 16.08 -3.21 11.49
CA ALA B 127 17.18 -2.38 11.05
C ALA B 127 17.19 -1.11 11.86
N ALA B 128 16.01 -0.50 12.04
CA ALA B 128 15.91 0.78 12.73
C ALA B 128 16.44 0.69 14.13
N GLU B 129 16.06 -0.35 14.85
CA GLU B 129 16.52 -0.56 16.23
C GLU B 129 18.04 -0.49 16.31
N GLN B 130 18.72 -1.23 15.44
CA GLN B 130 20.19 -1.27 15.46
C GLN B 130 20.87 0.01 15.03
N MET B 131 20.32 0.70 14.02
CA MET B 131 20.87 1.93 13.51
C MET B 131 20.68 3.10 14.48
N VAL B 132 19.53 3.15 15.15
CA VAL B 132 19.30 4.18 16.15
C VAL B 132 20.31 4.02 17.31
N GLU B 133 20.58 2.77 17.68
CA GLU B 133 21.59 2.45 18.73
C GLU B 133 22.96 3.06 18.40
N LYS B 134 23.29 3.10 17.11
CA LYS B 134 24.62 3.54 16.64
C LYS B 134 24.68 5.01 16.27
N GLY B 135 23.53 5.64 16.04
CA GLY B 135 23.43 7.05 15.66
C GLY B 135 23.81 7.31 14.21
N TRP B 136 23.67 6.30 13.37
CA TRP B 136 23.98 6.42 11.97
C TRP B 136 23.33 5.25 11.26
N GLY B 137 22.67 5.52 10.14
CA GLY B 137 22.18 4.40 9.36
C GLY B 137 21.67 4.85 8.04
N ARG B 138 21.51 3.90 7.13
CA ARG B 138 20.95 4.20 5.82
C ARG B 138 19.98 3.06 5.52
N MET B 139 18.74 3.38 5.14
CA MET B 139 17.85 2.33 4.71
C MET B 139 17.45 2.68 3.31
N VAL B 140 17.62 1.73 2.37
CA VAL B 140 17.23 1.96 0.99
C VAL B 140 16.26 0.87 0.62
N TYR B 141 15.03 1.26 0.32
CA TYR B 141 14.01 0.29 -0.05
C TYR B 141 13.89 0.20 -1.55
N ILE B 142 13.91 -1.02 -2.09
CA ILE B 142 13.72 -1.19 -3.52
C ILE B 142 12.24 -1.48 -3.76
N GLY B 143 11.54 -0.56 -4.40
CA GLY B 143 10.14 -0.74 -4.74
C GLY B 143 9.96 -1.03 -6.22
N SER B 144 9.07 -0.27 -6.86
CA SER B 144 8.74 -0.48 -8.27
C SER B 144 8.07 0.77 -8.79
N VAL B 145 8.19 1.00 -10.09
CA VAL B 145 7.39 2.05 -10.78
C VAL B 145 5.90 1.93 -10.47
N THR B 146 5.41 0.69 -10.26
CA THR B 146 3.97 0.44 -10.00
C THR B 146 3.42 1.25 -8.80
N LEU B 147 4.33 1.70 -7.92
CA LEU B 147 3.97 2.52 -6.74
C LEU B 147 3.55 3.96 -7.12
N LEU B 148 3.90 4.36 -8.34
CA LEU B 148 3.57 5.69 -8.90
C LEU B 148 2.57 5.58 -10.03
N ARG B 149 2.77 4.61 -10.93
CA ARG B 149 1.89 4.37 -12.08
C ARG B 149 1.51 2.90 -12.03
N PRO B 150 0.23 2.59 -11.71
CA PRO B 150 -0.13 1.17 -11.76
C PRO B 150 0.05 0.57 -13.15
N TRP B 151 0.54 -0.66 -13.18
CA TRP B 151 0.63 -1.51 -14.39
C TRP B 151 -0.42 -2.62 -14.30
N GLN B 152 -1.36 -2.66 -15.26
CA GLN B 152 -2.53 -3.58 -15.16
C GLN B 152 -2.22 -5.08 -14.91
N ASP B 153 -1.12 -5.57 -15.48
CA ASP B 153 -0.74 -6.98 -15.30
C ASP B 153 0.02 -7.24 -13.99
N LEU B 154 0.14 -6.21 -13.14
CA LEU B 154 0.90 -6.33 -11.89
C LEU B 154 0.10 -5.83 -10.68
N ALA B 155 -1.15 -6.30 -10.56
CA ALA B 155 -2.06 -5.86 -9.49
C ALA B 155 -1.51 -6.06 -8.09
N LEU B 156 -0.81 -7.18 -7.84
CA LEU B 156 -0.24 -7.39 -6.51
C LEU B 156 0.77 -6.31 -6.17
N SER B 157 1.64 -6.01 -7.14
CA SER B 157 2.60 -4.92 -7.00
C SER B 157 1.91 -3.56 -6.82
N ASN B 158 0.94 -3.26 -7.67
CA ASN B 158 0.26 -1.95 -7.61
C ASN B 158 -0.29 -1.68 -6.23
N ILE B 159 -0.74 -2.75 -5.57
CA ILE B 159 -1.54 -2.59 -4.41
C ILE B 159 -0.77 -2.92 -3.14
N MET B 160 -0.16 -4.10 -3.07
CA MET B 160 0.36 -4.58 -1.77
C MET B 160 1.79 -4.19 -1.54
N ARG B 161 2.42 -3.64 -2.57
CA ARG B 161 3.74 -3.07 -2.44
C ARG B 161 3.66 -1.62 -2.00
N LEU B 162 2.53 -0.96 -2.19
CA LEU B 162 2.41 0.43 -1.76
C LEU B 162 2.79 0.75 -0.32
N PRO B 163 2.50 -0.15 0.66
CA PRO B 163 3.02 0.06 2.05
C PRO B 163 4.49 0.47 2.17
N VAL B 164 5.35 -0.01 1.26
CA VAL B 164 6.76 0.48 1.19
C VAL B 164 6.89 2.01 1.25
N ILE B 165 6.06 2.75 0.49
CA ILE B 165 6.10 4.22 0.46
C ILE B 165 5.79 4.77 1.85
N GLY B 166 4.80 4.21 2.50
CA GLY B 166 4.48 4.61 3.86
C GLY B 166 5.55 4.29 4.86
N VAL B 167 6.25 3.18 4.65
CA VAL B 167 7.31 2.77 5.60
C VAL B 167 8.43 3.78 5.50
N VAL B 168 8.81 4.08 4.27
CA VAL B 168 9.84 5.06 3.96
C VAL B 168 9.56 6.40 4.61
N ARG B 169 8.39 6.98 4.35
CA ARG B 169 8.07 8.29 4.88
C ARG B 169 7.89 8.28 6.43
N THR B 170 7.24 7.26 6.97
CA THR B 170 7.05 7.17 8.44
C THR B 170 8.40 7.04 9.16
N LEU B 171 9.23 6.12 8.69
CA LEU B 171 10.54 5.95 9.32
C LEU B 171 11.49 7.13 9.04
N ALA B 172 11.40 7.75 7.87
CA ALA B 172 12.26 8.92 7.60
C ALA B 172 11.94 9.94 8.69
N LEU B 173 10.65 10.10 9.01
CA LEU B 173 10.23 11.08 10.00
C LEU B 173 10.74 10.71 11.41
N GLU B 174 10.51 9.46 11.80
CA GLU B 174 10.88 8.94 13.13
C GLU B 174 12.41 8.98 13.33
N LEU B 175 13.18 8.67 12.28
CA LEU B 175 14.60 8.37 12.46
C LEU B 175 15.58 9.53 12.12
N ALA B 176 15.07 10.60 11.52
CA ALA B 176 15.86 11.75 11.11
C ALA B 176 16.71 12.34 12.25
N PRO B 177 16.17 12.45 13.47
CA PRO B 177 16.96 12.98 14.60
C PRO B 177 18.10 12.04 15.03
N HIS B 178 18.03 10.80 14.58
CA HIS B 178 18.97 9.73 15.01
C HIS B 178 20.05 9.39 13.99
N GLY B 179 20.22 10.23 12.99
CA GLY B 179 21.30 10.06 12.01
C GLY B 179 21.03 8.95 11.00
N VAL B 180 19.77 8.53 10.92
CA VAL B 180 19.37 7.46 9.99
C VAL B 180 18.55 8.09 8.86
N THR B 181 18.89 7.77 7.62
CA THR B 181 18.08 8.25 6.47
C THR B 181 17.30 7.05 5.92
N VAL B 182 16.14 7.33 5.34
CA VAL B 182 15.28 6.27 4.84
C VAL B 182 14.73 6.73 3.51
N ASN B 183 15.06 6.01 2.45
CA ASN B 183 14.70 6.41 1.09
C ASN B 183 14.29 5.23 0.23
N ALA B 184 13.63 5.52 -0.90
CA ALA B 184 13.24 4.45 -1.82
C ALA B 184 13.73 4.72 -3.26
N VAL B 185 14.02 3.63 -3.98
CA VAL B 185 14.24 3.64 -5.41
C VAL B 185 13.19 2.75 -6.07
N LEU B 186 12.61 3.24 -7.17
CA LEU B 186 11.48 2.64 -7.84
C LEU B 186 11.90 2.26 -9.27
N PRO B 187 12.40 1.01 -9.46
CA PRO B 187 12.76 0.64 -10.81
C PRO B 187 11.54 0.34 -11.70
N SER B 188 11.68 0.51 -13.01
CA SER B 188 10.62 0.04 -13.92
C SER B 188 10.88 -1.39 -14.39
N LEU B 189 11.72 -1.56 -15.41
CA LEU B 189 12.15 -2.91 -15.80
C LEU B 189 13.66 -2.86 -15.81
N ILE B 190 14.28 -3.75 -15.04
CA ILE B 190 15.73 -3.85 -15.07
C ILE B 190 16.07 -5.26 -15.57
N LEU B 191 17.09 -5.37 -16.42
CA LEU B 191 17.46 -6.64 -17.05
C LEU B 191 18.20 -7.61 -16.10
N THR B 192 17.52 -8.01 -15.04
CA THR B 192 17.96 -9.10 -14.16
C THR B 192 17.73 -10.40 -14.94
N ASP B 193 18.36 -11.50 -14.53
CA ASP B 193 18.08 -12.81 -15.16
C ASP B 193 16.58 -13.20 -15.16
N ARG B 194 15.88 -12.96 -14.05
CA ARG B 194 14.43 -13.18 -13.93
C ARG B 194 13.62 -12.48 -15.03
N VAL B 195 13.96 -11.21 -15.31
CA VAL B 195 13.28 -10.42 -16.36
C VAL B 195 13.72 -10.91 -17.73
N ARG B 196 14.99 -11.27 -17.85
CA ARG B 196 15.58 -11.78 -19.10
C ARG B 196 14.84 -13.03 -19.57
N SER B 197 14.47 -13.87 -18.62
CA SER B 197 13.63 -15.04 -18.82
C SER B 197 12.29 -14.65 -19.39
N LEU B 198 11.52 -13.87 -18.64
CA LEU B 198 10.25 -13.34 -19.13
C LEU B 198 10.44 -12.62 -20.48
N SER B 216 9.15 -4.35 -26.72
CA SER B 216 7.76 -4.48 -26.30
C SER B 216 7.56 -4.27 -24.78
N MET B 217 8.35 -4.96 -23.97
CA MET B 217 8.19 -4.84 -22.52
C MET B 217 8.58 -3.44 -22.07
N ALA B 218 9.40 -2.79 -22.92
CA ALA B 218 9.94 -1.45 -22.70
C ALA B 218 9.04 -0.34 -23.20
N SER B 219 7.85 -0.68 -23.73
CA SER B 219 7.00 0.31 -24.42
C SER B 219 6.62 1.53 -23.57
N ARG B 220 6.51 1.34 -22.25
CA ARG B 220 6.12 2.40 -21.32
C ARG B 220 7.35 3.13 -20.78
N ILE B 221 8.53 2.78 -21.30
CA ILE B 221 9.78 3.38 -20.82
C ILE B 221 10.31 4.35 -21.87
N PRO B 222 10.23 5.66 -21.57
CA PRO B 222 10.72 6.73 -22.45
C PRO B 222 12.15 6.59 -22.97
N MET B 223 13.08 6.07 -22.18
CA MET B 223 14.42 5.83 -22.68
C MET B 223 14.46 4.76 -23.81
N GLY B 224 13.40 3.96 -23.96
CA GLY B 224 13.34 2.96 -25.04
C GLY B 224 14.10 1.66 -24.75
N ARG B 225 14.46 1.42 -23.49
CA ARG B 225 15.30 0.29 -23.12
C ARG B 225 15.02 -0.14 -21.69
N VAL B 226 15.28 -1.42 -21.39
CA VAL B 226 15.22 -1.92 -20.03
C VAL B 226 16.53 -1.49 -19.39
N GLY B 227 16.49 -1.18 -18.11
CA GLY B 227 17.67 -0.71 -17.41
C GLY B 227 18.61 -1.85 -17.12
N LYS B 228 19.86 -1.51 -16.81
CA LYS B 228 20.89 -2.49 -16.44
C LYS B 228 20.99 -2.59 -14.93
N PRO B 229 21.26 -3.79 -14.37
CA PRO B 229 21.31 -3.83 -12.90
C PRO B 229 22.24 -2.80 -12.25
N GLU B 230 23.37 -2.47 -12.89
CA GLU B 230 24.33 -1.52 -12.32
C GLU B 230 23.71 -0.15 -12.20
N GLU B 231 22.83 0.18 -13.14
CA GLU B 231 22.12 1.47 -13.12
C GLU B 231 21.23 1.63 -11.89
N LEU B 232 20.67 0.55 -11.40
CA LEU B 232 19.91 0.64 -10.16
C LEU B 232 20.85 0.62 -8.94
N ALA B 233 21.78 -0.31 -8.96
CA ALA B 233 22.71 -0.53 -7.84
C ALA B 233 23.50 0.72 -7.50
N SER B 234 23.90 1.47 -8.53
CA SER B 234 24.67 2.71 -8.33
C SER B 234 23.92 3.75 -7.50
N VAL B 235 22.60 3.83 -7.72
CA VAL B 235 21.77 4.79 -7.00
C VAL B 235 21.62 4.36 -5.56
N VAL B 236 21.41 3.05 -5.36
CA VAL B 236 21.36 2.42 -4.04
C VAL B 236 22.63 2.70 -3.22
N ALA B 237 23.79 2.46 -3.84
CA ALA B 237 25.09 2.80 -3.22
C ALA B 237 25.22 4.30 -2.90
N PHE B 238 24.83 5.17 -3.83
CA PHE B 238 24.89 6.60 -3.53
C PHE B 238 24.03 7.01 -2.33
N LEU B 239 22.82 6.47 -2.28
CA LEU B 239 21.91 6.75 -1.18
C LEU B 239 22.42 6.22 0.14
N ALA B 240 23.10 5.07 0.13
CA ALA B 240 23.68 4.48 1.36
C ALA B 240 24.99 5.16 1.83
N SER B 241 25.42 6.18 1.15
CA SER B 241 26.72 6.84 1.41
C SER B 241 26.67 7.99 2.42
N GLU B 242 27.87 8.38 2.86
CA GLU B 242 28.07 9.62 3.64
C GLU B 242 27.59 10.85 2.90
N LYS B 243 27.75 10.84 1.57
CA LYS B 243 27.38 11.95 0.70
C LYS B 243 25.89 12.26 0.70
N ALA B 244 25.05 11.27 0.97
CA ALA B 244 23.61 11.44 0.92
C ALA B 244 22.96 11.61 2.33
N SER B 245 23.76 12.15 3.26
CA SER B 245 23.35 12.41 4.65
C SER B 245 22.13 13.34 4.75
N PHE B 246 21.90 14.15 3.74
CA PHE B 246 20.82 15.14 3.85
C PHE B 246 19.54 14.75 3.09
N ILE B 247 19.54 13.55 2.51
CA ILE B 247 18.39 13.05 1.75
C ILE B 247 17.65 12.06 2.60
N THR B 248 16.42 12.38 2.95
CA THR B 248 15.59 11.39 3.58
C THR B 248 14.12 11.51 3.20
N GLY B 249 13.45 10.34 3.15
CA GLY B 249 12.03 10.17 2.81
C GLY B 249 11.78 10.28 1.31
N ALA B 250 12.86 10.27 0.51
CA ALA B 250 12.74 10.50 -0.90
C ALA B 250 12.32 9.19 -1.57
N VAL B 251 11.47 9.33 -2.57
CA VAL B 251 10.97 8.21 -3.33
C VAL B 251 11.38 8.50 -4.77
N ILE B 252 12.45 7.84 -5.21
CA ILE B 252 13.20 8.23 -6.38
C ILE B 252 12.99 7.23 -7.52
N PRO B 253 12.28 7.61 -8.58
CA PRO B 253 12.14 6.65 -9.72
C PRO B 253 13.51 6.45 -10.41
N VAL B 254 13.88 5.19 -10.70
CA VAL B 254 15.11 4.88 -11.43
C VAL B 254 14.62 3.94 -12.52
N ASP B 255 13.97 4.52 -13.51
CA ASP B 255 13.05 3.75 -14.28
C ASP B 255 13.04 4.17 -15.75
N GLY B 256 14.03 4.94 -16.19
CA GLY B 256 14.07 5.38 -17.59
C GLY B 256 12.99 6.37 -17.98
N GLY B 257 12.37 7.02 -16.99
CA GLY B 257 11.27 7.97 -17.28
C GLY B 257 9.87 7.34 -17.20
N ALA B 258 9.79 6.07 -16.90
CA ALA B 258 8.46 5.40 -16.88
C ALA B 258 7.38 6.09 -16.01
N HIS B 259 7.81 6.80 -14.96
CA HIS B 259 6.92 7.47 -14.02
C HIS B 259 6.22 8.70 -14.59
N ILE B 260 6.82 9.33 -15.62
CA ILE B 260 6.35 10.65 -16.11
C ILE B 260 4.94 10.55 -16.70
#